data_8G53
#
_entry.id   8G53
#
_cell.length_a   52.945
_cell.length_b   59.029
_cell.length_c   62.543
_cell.angle_alpha   90.000
_cell.angle_beta   90.000
_cell.angle_gamma   90.000
#
_symmetry.space_group_name_H-M   'P 21 21 21'
#
loop_
_entity.id
_entity.type
_entity.pdbx_description
1 polymer 'TPR_REGION domain-containing protein'
2 water water
#
_entity_poly.entity_id   1
_entity_poly.type   'polypeptide(L)'
_entity_poly.pdbx_seq_one_letter_code
;MIALVLGLTSLACKPSGTVDPSIAQADQAGQADPLALYDLLEGRIAAGTDSEADRVAALEQVRAAADDQSAAYAYVRAAV
AGRVAEGRGLKALKLLEEMRTWALTSIERDPGYRDMAATRMLGTLYVLAGQHLADGDSEQGLELLEDVVAAHPEAPTNHL
RLAEGYIALGDPEPAFPSLCLAQGARAQLSGEEQRLLDGLLADIGGADLLACDAGGGS
;
_entity_poly.pdbx_strand_id   A
#
# COMPACT_ATOMS: atom_id res chain seq x y z
N ALA A 29 -24.65 18.99 -4.98
CA ALA A 29 -24.19 20.04 -5.88
C ALA A 29 -23.01 19.52 -6.71
N GLY A 30 -22.99 18.21 -6.93
CA GLY A 30 -21.95 17.60 -7.69
C GLY A 30 -20.72 17.16 -6.95
N GLN A 31 -20.65 17.25 -5.63
CA GLN A 31 -19.47 16.77 -4.91
C GLN A 31 -19.35 15.25 -5.06
N ALA A 32 -18.17 14.75 -5.33
CA ALA A 32 -17.99 13.34 -5.56
C ALA A 32 -17.97 12.54 -4.26
N ASP A 33 -18.43 11.31 -4.34
CA ASP A 33 -18.26 10.31 -3.30
C ASP A 33 -16.81 9.91 -3.23
N PRO A 34 -16.17 10.02 -2.07
CA PRO A 34 -14.74 9.63 -1.97
C PRO A 34 -14.45 8.22 -2.41
N LEU A 35 -15.31 7.27 -2.07
CA LEU A 35 -15.03 5.90 -2.46
C LEU A 35 -15.05 5.74 -3.96
N ALA A 36 -15.99 6.40 -4.63
CA ALA A 36 -16.04 6.35 -6.09
C ALA A 36 -14.86 7.10 -6.70
N LEU A 37 -14.45 8.23 -6.12
CA LEU A 37 -13.24 8.92 -6.58
C LEU A 37 -12.03 8.02 -6.51
N TYR A 38 -11.91 7.29 -5.44
CA TYR A 38 -10.80 6.38 -5.25
C TYR A 38 -10.80 5.33 -6.34
N ASP A 39 -11.96 4.74 -6.59
CA ASP A 39 -12.01 3.71 -7.62
C ASP A 39 -11.63 4.28 -8.98
N LEU A 40 -12.07 5.49 -9.32
CA LEU A 40 -11.70 6.07 -10.60
C LEU A 40 -10.20 6.33 -10.68
N LEU A 41 -9.61 6.86 -9.61
CA LEU A 41 -8.17 7.12 -9.64
C LEU A 41 -7.42 5.80 -9.79
N GLU A 42 -7.83 4.78 -9.04
CA GLU A 42 -7.16 3.50 -9.12
C GLU A 42 -7.30 2.91 -10.53
N GLY A 43 -8.41 3.16 -11.20
CA GLY A 43 -8.51 2.68 -12.59
C GLY A 43 -7.51 3.36 -13.49
N ARG A 44 -7.32 4.68 -13.31
CA ARG A 44 -6.31 5.38 -14.10
C ARG A 44 -4.92 4.84 -13.78
N ILE A 45 -4.64 4.66 -12.51
CA ILE A 45 -3.32 4.17 -12.13
C ILE A 45 -3.04 2.80 -12.74
N ALA A 46 -4.03 1.90 -12.70
CA ALA A 46 -3.87 0.58 -13.32
C ALA A 46 -3.59 0.70 -14.80
N ALA A 47 -4.24 1.65 -15.48
CA ALA A 47 -4.05 1.82 -16.91
C ALA A 47 -2.78 2.59 -17.24
N GLY A 48 -2.19 3.30 -16.30
CA GLY A 48 -1.11 4.22 -16.58
C GLY A 48 -1.54 5.56 -17.12
N THR A 49 -2.80 5.95 -16.93
CA THR A 49 -3.34 7.18 -17.49
C THR A 49 -3.55 8.25 -16.43
N ASP A 50 -2.94 8.10 -15.27
CA ASP A 50 -2.95 9.10 -14.23
C ASP A 50 -1.81 10.10 -14.39
N SER A 51 -2.14 11.38 -14.52
CA SER A 51 -1.14 12.44 -14.45
C SER A 51 -1.05 12.98 -13.02
N GLU A 52 -0.01 13.78 -12.78
CA GLU A 52 0.11 14.52 -11.53
C GLU A 52 -1.19 15.29 -11.26
N ALA A 53 -1.69 15.97 -12.28
CA ALA A 53 -2.91 16.74 -12.11
C ALA A 53 -4.07 15.85 -11.72
N ASP A 54 -4.18 14.65 -12.31
CA ASP A 54 -5.27 13.77 -11.92
C ASP A 54 -5.14 13.35 -10.46
N ARG A 55 -3.93 13.03 -10.03
CA ARG A 55 -3.72 12.59 -8.65
C ARG A 55 -4.03 13.71 -7.68
N VAL A 56 -3.56 14.91 -7.99
CA VAL A 56 -3.79 16.06 -7.13
C VAL A 56 -5.28 16.40 -7.06
N ALA A 57 -5.99 16.32 -8.20
CA ALA A 57 -7.41 16.60 -8.18
C ALA A 57 -8.15 15.62 -7.30
N ALA A 58 -7.77 14.34 -7.35
CA ALA A 58 -8.39 13.37 -6.49
C ALA A 58 -8.13 13.68 -5.03
N LEU A 59 -6.90 14.08 -4.70
CA LEU A 59 -6.56 14.43 -3.32
C LEU A 59 -7.39 15.61 -2.84
N GLU A 60 -7.48 16.65 -3.67
CA GLU A 60 -8.27 17.82 -3.27
C GLU A 60 -9.71 17.44 -3.03
N GLN A 61 -10.25 16.61 -3.90
CA GLN A 61 -11.66 16.26 -3.79
C GLN A 61 -11.96 15.36 -2.59
N VAL A 62 -11.07 14.42 -2.25
CA VAL A 62 -11.32 13.60 -1.08
C VAL A 62 -11.15 14.41 0.18
N ARG A 63 -10.19 15.35 0.19
CA ARG A 63 -10.05 16.25 1.32
C ARG A 63 -11.30 17.08 1.54
N ALA A 64 -11.92 17.55 0.45
CA ALA A 64 -13.10 18.39 0.53
C ALA A 64 -14.35 17.60 0.89
N ALA A 65 -14.37 16.31 0.54
CA ALA A 65 -15.54 15.49 0.81
C ALA A 65 -15.79 15.37 2.30
N ALA A 66 -17.07 15.34 2.64
CA ALA A 66 -17.48 15.17 4.03
C ALA A 66 -17.08 13.78 4.53
N ASP A 67 -16.58 13.75 5.76
CA ASP A 67 -16.22 12.50 6.44
C ASP A 67 -17.45 11.91 7.10
N ASP A 68 -17.86 10.72 6.68
CA ASP A 68 -19.00 10.03 7.25
C ASP A 68 -18.62 9.16 8.45
N GLN A 69 -17.40 9.33 8.99
CA GLN A 69 -16.90 8.62 10.17
C GLN A 69 -16.60 7.16 9.89
N SER A 70 -16.61 6.74 8.63
CA SER A 70 -16.35 5.35 8.32
C SER A 70 -14.86 5.05 8.19
N ALA A 71 -14.51 3.80 8.45
CA ALA A 71 -13.17 3.33 8.13
C ALA A 71 -12.83 3.51 6.65
N ALA A 72 -13.83 3.35 5.78
CA ALA A 72 -13.62 3.49 4.35
C ALA A 72 -13.17 4.91 3.99
N TYR A 73 -13.85 5.92 4.53
CA TYR A 73 -13.45 7.29 4.23
C TYR A 73 -11.99 7.50 4.58
N ALA A 74 -11.63 7.08 5.79
CA ALA A 74 -10.26 7.28 6.25
C ALA A 74 -9.26 6.53 5.40
N TYR A 75 -9.62 5.31 4.99
CA TYR A 75 -8.75 4.54 4.12
C TYR A 75 -8.51 5.27 2.81
N VAL A 76 -9.57 5.81 2.23
CA VAL A 76 -9.44 6.55 0.98
C VAL A 76 -8.58 7.79 1.16
N ARG A 77 -8.77 8.52 2.25
CA ARG A 77 -7.91 9.67 2.50
C ARG A 77 -6.45 9.26 2.52
N ALA A 78 -6.16 8.16 3.21
CA ALA A 78 -4.78 7.68 3.28
C ALA A 78 -4.28 7.24 1.92
N ALA A 79 -5.08 6.45 1.21
CA ALA A 79 -4.64 5.86 -0.05
C ALA A 79 -4.37 6.92 -1.10
N VAL A 80 -5.25 7.92 -1.18
CA VAL A 80 -5.05 8.95 -2.19
C VAL A 80 -3.83 9.80 -1.85
N ALA A 81 -3.67 10.18 -0.59
CA ALA A 81 -2.44 10.87 -0.19
C ALA A 81 -1.22 10.03 -0.56
N GLY A 82 -1.31 8.72 -0.32
CA GLY A 82 -0.21 7.84 -0.68
C GLY A 82 0.08 7.81 -2.17
N ARG A 83 -0.96 7.82 -3.02
CA ARG A 83 -0.73 7.81 -4.47
C ARG A 83 -0.06 9.11 -4.90
N VAL A 84 -0.45 10.24 -4.32
CA VAL A 84 0.22 11.48 -4.67
C VAL A 84 1.67 11.44 -4.21
N ALA A 85 1.90 10.95 -3.00
CA ALA A 85 3.27 10.86 -2.50
C ALA A 85 4.12 9.93 -3.36
N GLU A 86 3.54 8.81 -3.79
CA GLU A 86 4.25 7.86 -4.62
C GLU A 86 4.68 8.47 -5.94
N GLY A 87 3.84 9.33 -6.52
CA GLY A 87 4.21 10.01 -7.73
C GLY A 87 5.28 11.07 -7.54
N ARG A 88 5.64 11.38 -6.29
CA ARG A 88 6.74 12.25 -5.95
C ARG A 88 7.86 11.47 -5.25
N GLY A 89 8.00 10.19 -5.59
CA GLY A 89 9.11 9.40 -5.10
C GLY A 89 9.09 9.09 -3.62
N LEU A 90 7.92 9.16 -2.99
CA LEU A 90 7.80 9.04 -1.54
C LEU A 90 8.65 10.08 -0.83
N LYS A 91 8.83 11.26 -1.46
CA LYS A 91 9.56 12.37 -0.86
C LYS A 91 8.67 13.56 -0.57
N ALA A 92 7.37 13.39 -0.68
CA ALA A 92 6.36 14.36 -0.25
C ALA A 92 6.05 14.07 1.21
N LEU A 93 6.90 14.57 2.12
CA LEU A 93 6.88 14.09 3.50
C LEU A 93 5.60 14.46 4.24
N LYS A 94 5.04 15.65 3.99
CA LYS A 94 3.78 15.99 4.62
C LYS A 94 2.68 15.04 4.16
N LEU A 95 2.69 14.66 2.88
CA LEU A 95 1.71 13.70 2.40
C LEU A 95 1.92 12.31 3.00
N LEU A 96 3.16 11.91 3.24
CA LEU A 96 3.39 10.65 3.95
C LEU A 96 2.76 10.69 5.33
N GLU A 97 2.88 11.82 6.03
CA GLU A 97 2.28 11.95 7.35
C GLU A 97 0.76 11.95 7.28
N GLU A 98 0.20 12.59 6.24
CA GLU A 98 -1.25 12.54 6.05
C GLU A 98 -1.72 11.10 5.82
N MET A 99 -0.98 10.35 5.02
CA MET A 99 -1.23 8.92 4.84
C MET A 99 -1.18 8.17 6.16
N ARG A 100 -0.11 8.38 6.91
CA ARG A 100 0.05 7.67 8.17
C ARG A 100 -1.12 7.95 9.10
N THR A 101 -1.45 9.23 9.23
CA THR A 101 -2.50 9.69 10.14
C THR A 101 -3.85 9.11 9.75
N TRP A 102 -4.20 9.16 8.47
CA TRP A 102 -5.49 8.64 8.05
C TRP A 102 -5.51 7.12 8.07
N ALA A 103 -4.38 6.44 7.84
CA ALA A 103 -4.37 4.99 8.00
C ALA A 103 -4.65 4.60 9.45
N LEU A 104 -4.03 5.30 10.40
CA LEU A 104 -4.28 5.04 11.81
C LEU A 104 -5.72 5.36 12.17
N THR A 105 -6.28 6.43 11.60
CA THR A 105 -7.68 6.74 11.82
C THR A 105 -8.57 5.62 11.30
N SER A 106 -8.26 5.10 10.11
CA SER A 106 -9.06 4.01 9.56
C SER A 106 -9.01 2.79 10.46
N ILE A 107 -7.82 2.42 10.93
CA ILE A 107 -7.64 1.26 11.80
C ILE A 107 -8.43 1.44 13.08
N GLU A 108 -8.39 2.66 13.65
CA GLU A 108 -9.14 2.94 14.86
C GLU A 108 -10.64 2.80 14.63
N ARG A 109 -11.11 3.19 13.45
CA ARG A 109 -12.54 3.09 13.16
C ARG A 109 -12.97 1.65 12.95
N ASP A 110 -12.19 0.86 12.24
CA ASP A 110 -12.49 -0.56 12.05
C ASP A 110 -11.24 -1.26 11.62
N PRO A 111 -10.57 -2.00 12.50
CA PRO A 111 -9.30 -2.61 12.12
C PRO A 111 -9.47 -3.76 11.15
N GLY A 112 -10.68 -4.27 10.96
CA GLY A 112 -10.93 -5.32 9.99
C GLY A 112 -11.32 -4.85 8.62
N TYR A 113 -11.44 -3.54 8.39
CA TYR A 113 -11.94 -3.05 7.11
C TYR A 113 -11.07 -3.58 5.96
N ARG A 114 -11.72 -4.08 4.93
CA ARG A 114 -11.04 -4.58 3.74
C ARG A 114 -9.93 -5.56 4.11
N ASP A 115 -10.24 -6.49 4.99
CA ASP A 115 -9.29 -7.53 5.40
C ASP A 115 -7.94 -6.93 5.79
N MET A 116 -8.00 -5.86 6.56
CA MET A 116 -6.84 -5.21 7.16
C MET A 116 -6.00 -4.40 6.16
N ALA A 117 -6.65 -3.93 5.09
CA ALA A 117 -5.92 -3.14 4.09
C ALA A 117 -5.19 -1.94 4.68
N ALA A 118 -5.79 -1.25 5.66
CA ALA A 118 -5.14 -0.07 6.20
C ALA A 118 -3.89 -0.44 7.00
N THR A 119 -3.91 -1.58 7.69
CA THR A 119 -2.73 -2.03 8.41
C THR A 119 -1.62 -2.39 7.42
N ARG A 120 -1.97 -3.06 6.31
CA ARG A 120 -0.99 -3.39 5.30
C ARG A 120 -0.38 -2.12 4.70
N MET A 121 -1.23 -1.14 4.39
CA MET A 121 -0.76 0.15 3.88
C MET A 121 0.23 0.80 4.85
N LEU A 122 -0.11 0.81 6.14
CA LEU A 122 0.74 1.43 7.14
C LEU A 122 2.09 0.69 7.24
N GLY A 123 2.05 -0.65 7.21
CA GLY A 123 3.27 -1.42 7.21
C GLY A 123 4.18 -1.13 6.04
N THR A 124 3.62 -1.10 4.83
CA THR A 124 4.41 -0.76 3.65
C THR A 124 4.98 0.64 3.77
N LEU A 125 4.18 1.60 4.24
CA LEU A 125 4.68 2.97 4.41
C LEU A 125 5.88 2.99 5.33
N TYR A 126 5.81 2.25 6.43
CA TYR A 126 6.93 2.25 7.36
C TYR A 126 8.15 1.56 6.77
N VAL A 127 8.00 0.40 6.14
CA VAL A 127 9.21 -0.28 5.65
C VAL A 127 9.87 0.53 4.55
N LEU A 128 9.11 1.22 3.73
CA LEU A 128 9.65 1.99 2.62
C LEU A 128 10.09 3.39 3.01
N ALA A 129 9.47 4.02 4.02
CA ALA A 129 9.68 5.45 4.24
C ALA A 129 9.56 5.82 5.72
N GLY A 130 9.66 4.86 6.63
CA GLY A 130 9.52 5.15 8.05
C GLY A 130 10.51 6.14 8.60
N GLN A 131 11.69 6.19 8.01
CA GLN A 131 12.71 7.14 8.44
C GLN A 131 12.30 8.59 8.19
N HIS A 132 11.30 8.80 7.34
CA HIS A 132 10.80 10.13 7.03
C HIS A 132 9.52 10.49 7.77
N LEU A 133 9.15 9.72 8.78
CA LEU A 133 7.96 9.96 9.59
C LEU A 133 8.35 10.09 11.06
N ALA A 134 7.86 11.12 11.73
CA ALA A 134 8.29 11.34 13.10
C ALA A 134 8.03 10.13 13.98
N ASP A 135 6.82 9.58 13.92
CA ASP A 135 6.41 8.47 14.76
C ASP A 135 6.46 7.14 14.04
N GLY A 136 7.00 7.10 12.83
CA GLY A 136 7.17 5.84 12.14
C GLY A 136 8.30 5.01 12.71
N ASP A 137 8.24 3.70 12.44
CA ASP A 137 9.30 2.77 12.84
C ASP A 137 9.43 1.74 11.72
N SER A 138 10.54 1.82 10.99
CA SER A 138 10.67 1.03 9.78
C SER A 138 10.60 -0.45 10.12
N GLU A 139 11.41 -0.91 11.06
CA GLU A 139 11.45 -2.33 11.38
C GLU A 139 10.12 -2.83 11.90
N GLN A 140 9.40 -2.01 12.69
CA GLN A 140 8.11 -2.44 13.21
C GLN A 140 7.05 -2.45 12.11
N GLY A 141 7.30 -1.80 10.98
CA GLY A 141 6.42 -1.97 9.84
C GLY A 141 6.35 -3.42 9.41
N LEU A 142 7.45 -4.18 9.57
CA LEU A 142 7.41 -5.58 9.25
C LEU A 142 6.42 -6.33 10.13
N GLU A 143 6.30 -5.92 11.40
CA GLU A 143 5.34 -6.57 12.30
C GLU A 143 3.92 -6.36 11.81
N LEU A 144 3.60 -5.15 11.31
CA LEU A 144 2.29 -4.92 10.75
C LEU A 144 2.03 -5.81 9.55
N LEU A 145 3.03 -5.94 8.66
CA LEU A 145 2.88 -6.80 7.50
C LEU A 145 2.74 -8.26 7.92
N GLU A 146 3.49 -8.68 8.93
CA GLU A 146 3.32 -10.04 9.48
C GLU A 146 1.92 -10.22 10.05
N ASP A 147 1.37 -9.20 10.71
CA ASP A 147 0.04 -9.33 11.29
C ASP A 147 -0.99 -9.57 10.19
N VAL A 148 -0.85 -8.87 9.06
CA VAL A 148 -1.80 -9.04 7.97
C VAL A 148 -1.67 -10.42 7.35
N VAL A 149 -0.44 -10.91 7.16
CA VAL A 149 -0.24 -12.27 6.65
C VAL A 149 -0.83 -13.30 7.59
N ALA A 150 -0.69 -13.10 8.91
CA ALA A 150 -1.21 -14.05 9.88
C ALA A 150 -2.73 -14.09 9.84
N ALA A 151 -3.37 -12.94 9.67
CA ALA A 151 -4.82 -12.88 9.64
C ALA A 151 -5.40 -13.30 8.30
N HIS A 152 -4.64 -13.07 7.21
CA HIS A 152 -5.12 -13.25 5.84
C HIS A 152 -4.05 -13.89 4.97
N PRO A 153 -3.68 -15.12 5.31
CA PRO A 153 -2.69 -15.85 4.48
C PRO A 153 -3.18 -16.17 3.09
N GLU A 154 -4.47 -16.06 2.86
CA GLU A 154 -5.04 -16.46 1.59
C GLU A 154 -4.78 -15.48 0.45
N ALA A 155 -4.29 -14.27 0.74
CA ALA A 155 -4.13 -13.24 -0.31
C ALA A 155 -2.67 -13.08 -0.67
N PRO A 156 -2.27 -13.37 -1.91
CA PRO A 156 -0.86 -13.19 -2.27
C PRO A 156 -0.40 -11.75 -2.14
N THR A 157 -1.29 -10.76 -2.20
CA THR A 157 -0.93 -9.38 -1.90
C THR A 157 -0.16 -9.29 -0.59
N ASN A 158 -0.63 -10.01 0.42
CA ASN A 158 -0.07 -9.87 1.75
C ASN A 158 1.34 -10.44 1.79
N HIS A 159 1.56 -11.59 1.16
CA HIS A 159 2.88 -12.17 1.03
C HIS A 159 3.81 -11.28 0.25
N LEU A 160 3.31 -10.72 -0.85
CA LEU A 160 4.13 -9.82 -1.66
C LEU A 160 4.60 -8.63 -0.85
N ARG A 161 3.69 -7.99 -0.11
CA ARG A 161 4.08 -6.80 0.62
C ARG A 161 5.01 -7.14 1.78
N LEU A 162 4.81 -8.29 2.42
CA LEU A 162 5.76 -8.72 3.45
C LEU A 162 7.16 -8.94 2.86
N ALA A 163 7.22 -9.67 1.76
CA ALA A 163 8.51 -9.88 1.09
C ALA A 163 9.16 -8.56 0.71
N GLU A 164 8.37 -7.65 0.14
CA GLU A 164 8.89 -6.34 -0.23
C GLU A 164 9.56 -5.66 0.96
N GLY A 165 8.91 -5.72 2.12
CA GLY A 165 9.45 -5.09 3.31
C GLY A 165 10.72 -5.73 3.78
N TYR A 166 10.76 -7.07 3.87
CA TYR A 166 12.00 -7.73 4.27
C TYR A 166 13.15 -7.35 3.36
N ILE A 167 12.90 -7.36 2.05
CA ILE A 167 13.94 -7.03 1.08
C ILE A 167 14.37 -5.58 1.24
N ALA A 168 13.42 -4.66 1.40
CA ALA A 168 13.75 -3.25 1.56
C ALA A 168 14.64 -3.01 2.75
N LEU A 169 14.48 -3.80 3.80
CA LEU A 169 15.20 -3.62 5.04
C LEU A 169 16.39 -4.58 5.14
N GLY A 170 16.84 -5.13 4.00
CA GLY A 170 18.08 -5.87 3.95
C GLY A 170 18.05 -7.22 4.62
N ASP A 171 16.90 -7.87 4.64
CA ASP A 171 16.69 -9.13 5.35
C ASP A 171 16.05 -10.11 4.36
N PRO A 172 16.80 -10.59 3.37
CA PRO A 172 16.17 -11.42 2.35
C PRO A 172 15.73 -12.78 2.82
N GLU A 173 16.36 -13.36 3.82
CA GLU A 173 16.02 -14.75 4.14
C GLU A 173 14.54 -14.96 4.42
N PRO A 174 13.88 -14.20 5.30
CA PRO A 174 12.45 -14.44 5.54
C PRO A 174 11.59 -14.05 4.35
N ALA A 175 12.13 -13.27 3.42
CA ALA A 175 11.34 -12.92 2.26
C ALA A 175 11.06 -14.11 1.36
N PHE A 176 11.94 -15.13 1.33
CA PHE A 176 11.83 -16.15 0.30
C PHE A 176 10.54 -16.95 0.41
N PRO A 177 10.11 -17.41 1.59
CA PRO A 177 8.83 -18.14 1.64
C PRO A 177 7.66 -17.28 1.17
N SER A 178 7.69 -15.99 1.48
CA SER A 178 6.63 -15.08 1.05
C SER A 178 6.68 -14.87 -0.45
N LEU A 179 7.88 -14.70 -1.02
CA LEU A 179 7.99 -14.60 -2.47
C LEU A 179 7.43 -15.85 -3.13
N CYS A 180 7.72 -17.01 -2.58
CA CYS A 180 7.22 -18.23 -3.17
C CYS A 180 5.70 -18.28 -3.13
N LEU A 181 5.08 -17.84 -2.03
CA LEU A 181 3.62 -17.85 -1.99
C LEU A 181 3.03 -16.84 -2.97
N ALA A 182 3.64 -15.66 -3.06
CA ALA A 182 3.13 -14.66 -3.98
C ALA A 182 3.26 -15.13 -5.42
N GLN A 183 4.41 -15.69 -5.77
CA GLN A 183 4.63 -16.21 -7.12
C GLN A 183 3.69 -17.34 -7.42
N GLY A 184 3.43 -18.22 -6.44
CA GLY A 184 2.56 -19.34 -6.68
C GLY A 184 1.14 -18.95 -6.98
N ALA A 185 0.68 -17.80 -6.49
CA ALA A 185 -0.67 -17.32 -6.73
C ALA A 185 -0.65 -16.01 -7.50
N ARG A 186 0.35 -15.83 -8.36
CA ARG A 186 0.56 -14.54 -9.01
C ARG A 186 -0.60 -14.16 -9.90
N ALA A 187 -1.38 -15.13 -10.38
CA ALA A 187 -2.52 -14.82 -11.22
C ALA A 187 -3.54 -13.94 -10.51
N GLN A 188 -3.54 -13.94 -9.17
CA GLN A 188 -4.47 -13.13 -8.41
C GLN A 188 -3.95 -11.73 -8.10
N LEU A 189 -2.68 -11.46 -8.37
CA LEU A 189 -2.10 -10.15 -8.17
C LEU A 189 -2.55 -9.19 -9.26
N SER A 190 -2.73 -7.92 -8.92
CA SER A 190 -3.02 -6.91 -9.92
C SER A 190 -1.83 -6.75 -10.86
N GLY A 191 -2.04 -6.08 -11.99
CA GLY A 191 -0.91 -5.82 -12.87
C GLY A 191 0.23 -5.09 -12.16
N GLU A 192 -0.10 -4.05 -11.40
CA GLU A 192 0.89 -3.31 -10.64
C GLU A 192 1.63 -4.22 -9.66
N GLU A 193 0.90 -5.08 -8.98
CA GLU A 193 1.53 -6.01 -8.05
C GLU A 193 2.42 -7.01 -8.77
N GLN A 194 1.98 -7.51 -9.92
CA GLN A 194 2.83 -8.41 -10.69
C GLN A 194 4.12 -7.72 -11.09
N ARG A 195 4.03 -6.47 -11.53
CA ARG A 195 5.24 -5.76 -11.91
C ARG A 195 6.16 -5.56 -10.71
N LEU A 196 5.58 -5.31 -9.53
CA LEU A 196 6.36 -5.19 -8.30
C LEU A 196 7.07 -6.50 -7.99
N LEU A 197 6.32 -7.60 -7.98
CA LEU A 197 6.89 -8.91 -7.74
C LEU A 197 7.99 -9.20 -8.74
N ASP A 198 7.72 -8.95 -10.01
CA ASP A 198 8.67 -9.29 -11.05
C ASP A 198 9.93 -8.46 -10.91
N GLY A 199 9.81 -7.22 -10.42
CA GLY A 199 10.99 -6.41 -10.16
C GLY A 199 11.81 -6.98 -9.02
N LEU A 200 11.16 -7.40 -7.93
CA LEU A 200 11.90 -8.06 -6.85
C LEU A 200 12.62 -9.31 -7.36
N LEU A 201 11.93 -10.11 -8.15
CA LEU A 201 12.54 -11.32 -8.68
C LEU A 201 13.67 -11.00 -9.67
N ALA A 202 13.51 -9.98 -10.51
CA ALA A 202 14.60 -9.60 -11.39
C ALA A 202 15.82 -9.18 -10.57
N ASP A 203 15.58 -8.47 -9.46
CA ASP A 203 16.68 -7.96 -8.67
C ASP A 203 17.48 -9.08 -8.06
N ILE A 204 16.84 -10.20 -7.70
CA ILE A 204 17.59 -11.33 -7.14
C ILE A 204 18.25 -12.17 -8.20
N GLY A 205 18.04 -11.87 -9.48
CA GLY A 205 18.66 -12.59 -10.58
C GLY A 205 17.72 -13.39 -11.43
N GLY A 206 16.43 -13.37 -11.12
CA GLY A 206 15.42 -14.01 -11.92
C GLY A 206 14.54 -14.95 -11.10
N ALA A 207 13.27 -15.07 -11.55
CA ALA A 207 12.35 -15.97 -10.86
C ALA A 207 12.87 -17.40 -10.85
N ASP A 208 13.67 -17.77 -11.84
CA ASP A 208 14.21 -19.12 -11.93
C ASP A 208 15.17 -19.47 -10.79
N LEU A 209 15.60 -18.50 -9.99
CA LEU A 209 16.54 -18.74 -8.90
C LEU A 209 15.85 -18.84 -7.55
N LEU A 210 14.53 -18.67 -7.49
CA LEU A 210 13.81 -18.81 -6.23
C LEU A 210 13.89 -20.21 -5.68
N ALA A 211 13.79 -21.20 -6.56
CA ALA A 211 13.87 -22.61 -6.19
C ALA A 211 12.87 -22.97 -5.10
N CYS A 212 11.63 -22.51 -5.27
CA CYS A 212 10.58 -22.80 -4.31
C CYS A 212 10.37 -24.30 -4.15
#